data_4IS9
#
_entry.id   4IS9
#
_cell.length_a   117.440
_cell.length_b   117.440
_cell.length_c   253.661
_cell.angle_alpha   90.00
_cell.angle_beta   90.00
_cell.angle_gamma   120.00
#
_symmetry.space_group_name_H-M   'H 3 2'
#
loop_
_entity.id
_entity.type
_entity.pdbx_description
1 polymer 'UDP-3-O-[3-hydroxymyristoyl] N-acetylglucosamine deacetylase'
2 non-polymer 'ISOPROPYL ALCOHOL'
3 non-polymer 'ZINC ION'
4 non-polymer (4R)-2-(3,4-dimethoxy-5-propylphenyl)-N-hydroxy-4,5-dihydro-1,3-oxazole-4-carboxamide
5 non-polymer 'SODIUM ION'
6 water water
#
_entity_poly.entity_id   1
_entity_poly.type   'polypeptide(L)'
_entity_poly.pdbx_seq_one_letter_code
;MIKQRTLKRIVQATGVGLHTGKKVTLTLRPAPANTGVIYRRTDLNPPVDFPADAKSVRDTMLCTCLVNEHDVRISTVEHL
NAALAGLGIDNIVIEVNAPEIPIMDGSAAPFVYLLLDAGIDELNCAKKFVRIKETVRVEDGDKWAEFKPYNGFSLDFTID
FNHPAIDSSNQRYAMNFSADAFMRQISRARTFGFMRDIEYLQSRGLCLGGSFDCAIVVDDYRVLNEDGLRFEDEFVRHKM
LDAIGDLFMCGHNIIGAFTAYKSGHALNNKLLQAVLAKQEAWEYVTFQDDAELPLAFKAP
;
_entity_poly.pdbx_strand_id   A,B
#
loop_
_chem_comp.id
_chem_comp.type
_chem_comp.name
_chem_comp.formula
IPA non-polymer 'ISOPROPYL ALCOHOL' 'C3 H8 O'
LTF non-polymer (4R)-2-(3,4-dimethoxy-5-propylphenyl)-N-hydroxy-4,5-dihydro-1,3-oxazole-4-carboxamide 'C15 H20 N2 O5'
NA non-polymer 'SODIUM ION' 'Na 1'
ZN non-polymer 'ZINC ION' 'Zn 2'
#
# COMPACT_ATOMS: atom_id res chain seq x y z
N MET A 1 -22.32 4.29 -15.94
CA MET A 1 -21.78 2.99 -16.42
C MET A 1 -20.72 2.45 -15.47
N ILE A 2 -20.83 1.17 -15.12
CA ILE A 2 -19.76 0.48 -14.40
C ILE A 2 -18.72 0.07 -15.42
N LYS A 3 -17.57 0.74 -15.41
CA LYS A 3 -16.61 0.66 -16.49
C LYS A 3 -15.53 -0.39 -16.24
N GLN A 4 -14.99 -0.95 -17.33
CA GLN A 4 -13.85 -1.84 -17.25
C GLN A 4 -12.67 -1.03 -16.71
N ARG A 5 -11.62 -1.71 -16.28
CA ARG A 5 -10.50 -1.03 -15.63
C ARG A 5 -9.15 -1.56 -16.08
N THR A 6 -8.18 -0.66 -16.15
CA THR A 6 -6.80 -1.02 -16.43
C THR A 6 -5.90 -0.09 -15.63
N LEU A 7 -4.61 -0.05 -15.98
CA LEU A 7 -3.66 0.78 -15.25
C LEU A 7 -3.46 2.13 -15.92
N LYS A 8 -3.04 3.12 -15.14
CA LYS A 8 -2.72 4.44 -15.67
C LYS A 8 -1.37 4.43 -16.38
N ARG A 9 -0.39 3.81 -15.73
CA ARG A 9 0.97 3.77 -16.26
C ARG A 9 1.63 2.43 -16.01
N ILE A 10 2.69 2.16 -16.78
CA ILE A 10 3.49 0.96 -16.58
C ILE A 10 4.29 1.07 -15.29
N VAL A 11 4.27 -0.01 -14.50
CA VAL A 11 5.03 -0.05 -13.26
C VAL A 11 5.87 -1.32 -13.20
N GLN A 12 6.92 -1.29 -12.38
CA GLN A 12 7.80 -2.43 -12.20
C GLN A 12 8.05 -2.70 -10.72
N ALA A 13 8.31 -3.97 -10.42
CA ALA A 13 8.68 -4.38 -9.07
C ALA A 13 9.58 -5.60 -9.17
N THR A 14 10.47 -5.77 -8.19
CA THR A 14 11.36 -6.91 -8.18
C THR A 14 11.19 -7.73 -6.91
N GLY A 15 11.28 -9.05 -7.04
CA GLY A 15 11.12 -9.94 -5.92
C GLY A 15 11.66 -11.32 -6.19
N VAL A 16 11.73 -12.15 -5.16
CA VAL A 16 12.27 -13.50 -5.28
C VAL A 16 11.21 -14.50 -5.74
N GLY A 17 11.60 -15.38 -6.66
CA GLY A 17 10.74 -16.47 -7.08
C GLY A 17 10.77 -17.59 -6.04
N LEU A 18 9.59 -18.08 -5.66
CA LEU A 18 9.49 -19.10 -4.63
C LEU A 18 10.26 -20.37 -5.00
N HIS A 19 10.18 -20.75 -6.27
CA HIS A 19 10.77 -22.01 -6.71
C HIS A 19 12.28 -21.90 -6.90
N THR A 20 12.73 -20.89 -7.63
CA THR A 20 14.14 -20.73 -7.96
C THR A 20 14.93 -19.95 -6.90
N GLY A 21 14.22 -19.11 -6.14
CA GLY A 21 14.87 -18.27 -5.15
C GLY A 21 15.68 -17.16 -5.79
N LYS A 22 15.56 -17.01 -7.11
CA LYS A 22 16.28 -15.98 -7.83
C LYS A 22 15.43 -14.73 -7.98
N LYS A 23 16.10 -13.58 -8.11
CA LYS A 23 15.42 -12.31 -8.24
C LYS A 23 14.68 -12.19 -9.57
N VAL A 24 13.39 -11.88 -9.49
CA VAL A 24 12.53 -11.77 -10.66
C VAL A 24 12.05 -10.34 -10.81
N THR A 25 11.93 -9.87 -12.05
CA THR A 25 11.44 -8.52 -12.30
C THR A 25 10.06 -8.55 -12.95
N LEU A 26 9.13 -7.83 -12.34
CA LEU A 26 7.73 -7.84 -12.75
C LEU A 26 7.33 -6.49 -13.36
N THR A 27 6.72 -6.52 -14.53
CA THR A 27 6.26 -5.30 -15.19
C THR A 27 4.76 -5.39 -15.51
N LEU A 28 4.01 -4.39 -15.06
CA LEU A 28 2.57 -4.35 -15.31
C LEU A 28 2.24 -3.27 -16.33
N ARG A 29 1.45 -3.64 -17.34
CA ARG A 29 1.14 -2.72 -18.44
C ARG A 29 -0.36 -2.47 -18.57
N PRO A 30 -0.74 -1.21 -18.84
CA PRO A 30 -2.11 -0.88 -19.25
C PRO A 30 -2.50 -1.67 -20.50
N ALA A 31 -3.79 -1.88 -20.70
CA ALA A 31 -4.27 -2.58 -21.89
C ALA A 31 -5.65 -2.07 -22.27
N PRO A 32 -5.93 -1.98 -23.59
CA PRO A 32 -7.24 -1.48 -24.04
C PRO A 32 -8.38 -2.40 -23.60
N ALA A 33 -9.60 -1.88 -23.68
CA ALA A 33 -10.78 -2.60 -23.22
C ALA A 33 -10.97 -3.93 -23.95
N ASN A 34 -11.59 -4.88 -23.28
CA ASN A 34 -11.94 -6.17 -23.88
C ASN A 34 -10.72 -6.97 -24.35
N THR A 35 -9.61 -6.84 -23.63
CA THR A 35 -8.41 -7.62 -23.93
C THR A 35 -8.15 -8.64 -22.84
N GLY A 36 -8.70 -8.40 -21.65
CA GLY A 36 -8.60 -9.36 -20.55
C GLY A 36 -7.26 -9.32 -19.83
N VAL A 37 -7.04 -10.31 -18.98
CA VAL A 37 -5.79 -10.41 -18.23
C VAL A 37 -4.82 -11.31 -18.99
N ILE A 38 -3.65 -10.77 -19.31
CA ILE A 38 -2.65 -11.53 -20.03
C ILE A 38 -1.35 -11.62 -19.25
N TYR A 39 -0.94 -12.84 -18.93
CA TYR A 39 0.36 -13.08 -18.34
C TYR A 39 1.36 -13.35 -19.46
N ARG A 40 2.60 -12.90 -19.29
CA ARG A 40 3.61 -13.04 -20.34
C ARG A 40 5.01 -13.25 -19.78
N ARG A 41 5.68 -14.27 -20.31
CA ARG A 41 7.08 -14.52 -19.97
C ARG A 41 7.98 -13.88 -21.03
N THR A 42 8.90 -13.03 -20.60
CA THR A 42 9.81 -12.34 -21.51
C THR A 42 11.23 -12.87 -21.39
N ASP A 43 11.40 -13.94 -20.61
CA ASP A 43 12.69 -14.64 -20.56
C ASP A 43 12.76 -15.65 -21.70
N LEU A 44 11.69 -15.69 -22.49
CA LEU A 44 11.62 -16.57 -23.65
C LEU A 44 11.52 -15.74 -24.92
N ASN A 45 12.16 -16.20 -25.99
CA ASN A 45 12.10 -15.51 -27.27
C ASN A 45 11.71 -16.50 -28.38
N PRO A 46 10.53 -16.29 -28.99
CA PRO A 46 9.62 -15.17 -28.73
C PRO A 46 8.91 -15.31 -27.38
N PRO A 47 8.54 -14.19 -26.76
CA PRO A 47 7.82 -14.23 -25.49
C PRO A 47 6.53 -15.02 -25.62
N VAL A 48 6.07 -15.62 -24.53
CA VAL A 48 4.85 -16.42 -24.56
C VAL A 48 3.75 -15.73 -23.75
N ASP A 49 2.55 -15.69 -24.31
CA ASP A 49 1.40 -15.09 -23.64
C ASP A 49 0.52 -16.16 -23.00
N PHE A 50 0.07 -15.90 -21.78
CA PHE A 50 -0.81 -16.80 -21.06
C PHE A 50 -2.08 -16.05 -20.66
N PRO A 51 -3.11 -16.10 -21.50
CA PRO A 51 -4.39 -15.45 -21.15
C PRO A 51 -5.07 -16.17 -19.98
N ALA A 52 -5.44 -15.44 -18.95
CA ALA A 52 -6.12 -16.03 -17.80
C ALA A 52 -7.38 -16.76 -18.25
N ASP A 53 -7.34 -18.08 -18.16
CA ASP A 53 -8.47 -18.92 -18.57
C ASP A 53 -8.62 -20.05 -17.56
N ALA A 54 -9.86 -20.34 -17.18
CA ALA A 54 -10.14 -21.39 -16.20
C ALA A 54 -9.62 -22.74 -16.67
N LYS A 55 -9.58 -22.95 -17.99
CA LYS A 55 -9.14 -24.23 -18.54
C LYS A 55 -7.64 -24.30 -18.72
N SER A 56 -6.95 -23.18 -18.52
CA SER A 56 -5.50 -23.13 -18.68
C SER A 56 -4.78 -23.29 -17.35
N VAL A 57 -5.54 -23.57 -16.30
CA VAL A 57 -4.97 -23.64 -14.95
C VAL A 57 -4.40 -25.03 -14.65
N ARG A 58 -3.17 -25.04 -14.13
CA ARG A 58 -2.55 -26.27 -13.65
C ARG A 58 -2.08 -26.04 -12.22
N ASP A 59 -2.47 -26.93 -11.33
N ASP A 59 -2.48 -26.92 -11.31
CA ASP A 59 -2.16 -26.82 -9.90
CA ASP A 59 -2.12 -26.75 -9.90
C ASP A 59 -0.96 -27.67 -9.52
C ASP A 59 -1.01 -27.69 -9.47
N THR A 60 -0.17 -27.20 -8.56
CA THR A 60 0.95 -27.97 -8.03
C THR A 60 0.96 -27.77 -6.52
N MET A 61 1.92 -28.41 -5.86
CA MET A 61 2.01 -28.33 -4.40
C MET A 61 2.34 -26.92 -3.92
N LEU A 62 3.15 -26.18 -4.69
CA LEU A 62 3.64 -24.88 -4.25
C LEU A 62 2.98 -23.68 -4.94
N CYS A 63 2.23 -23.92 -6.01
CA CYS A 63 1.68 -22.81 -6.78
C CYS A 63 0.64 -23.25 -7.80
N THR A 64 -0.06 -22.26 -8.36
CA THR A 64 -0.94 -22.49 -9.49
C THR A 64 -0.25 -21.94 -10.73
N CYS A 65 -0.41 -22.64 -11.84
CA CYS A 65 0.25 -22.27 -13.09
C CYS A 65 -0.77 -22.00 -14.17
N LEU A 66 -0.36 -21.24 -15.17
CA LEU A 66 -1.05 -21.20 -16.45
C LEU A 66 -0.17 -21.89 -17.46
N VAL A 67 -0.77 -22.71 -18.32
CA VAL A 67 -0.03 -23.47 -19.31
C VAL A 67 -0.48 -23.08 -20.72
N ASN A 68 0.45 -23.11 -21.66
CA ASN A 68 0.11 -22.81 -23.06
C ASN A 68 -0.08 -24.11 -23.84
N GLU A 69 -0.39 -23.98 -25.11
CA GLU A 69 -0.68 -25.15 -25.95
C GLU A 69 0.50 -26.13 -26.06
N HIS A 70 1.66 -25.74 -25.55
CA HIS A 70 2.86 -26.57 -25.67
C HIS A 70 3.50 -26.89 -24.32
N ASP A 71 2.66 -27.00 -23.29
CA ASP A 71 3.12 -27.41 -21.96
C ASP A 71 4.07 -26.42 -21.30
N VAL A 72 4.29 -25.27 -21.93
CA VAL A 72 5.09 -24.22 -21.33
C VAL A 72 4.27 -23.53 -20.26
N ARG A 73 4.91 -23.17 -19.14
CA ARG A 73 4.18 -22.67 -17.98
C ARG A 73 4.70 -21.35 -17.41
N ILE A 74 3.79 -20.61 -16.79
CA ILE A 74 4.13 -19.49 -15.93
C ILE A 74 3.56 -19.80 -14.54
N SER A 75 4.35 -19.59 -13.49
CA SER A 75 3.98 -20.05 -12.16
C SER A 75 3.77 -18.94 -11.14
N THR A 76 3.07 -19.28 -10.06
CA THR A 76 2.83 -18.35 -8.95
C THR A 76 1.94 -17.18 -9.38
N VAL A 77 0.83 -17.50 -10.02
CA VAL A 77 -0.10 -16.47 -10.48
C VAL A 77 -1.22 -16.22 -9.47
N GLU A 78 -1.32 -17.09 -8.47
CA GLU A 78 -2.49 -17.12 -7.58
C GLU A 78 -2.76 -15.83 -6.81
N HIS A 79 -1.73 -15.21 -6.24
CA HIS A 79 -1.94 -14.06 -5.36
C HIS A 79 -2.04 -12.74 -6.14
N LEU A 80 -1.25 -12.59 -7.20
CA LEU A 80 -1.39 -11.43 -8.08
C LEU A 80 -2.78 -11.40 -8.68
N ASN A 81 -3.28 -12.56 -9.09
CA ASN A 81 -4.59 -12.66 -9.71
C ASN A 81 -5.71 -12.28 -8.72
N ALA A 82 -5.49 -12.59 -7.45
CA ALA A 82 -6.45 -12.22 -6.41
C ALA A 82 -6.49 -10.70 -6.28
N ALA A 83 -5.32 -10.07 -6.37
CA ALA A 83 -5.21 -8.62 -6.28
C ALA A 83 -5.93 -7.95 -7.46
N LEU A 84 -5.80 -8.54 -8.64
CA LEU A 84 -6.49 -8.02 -9.82
C LEU A 84 -8.00 -8.15 -9.64
N ALA A 85 -8.42 -9.30 -9.13
CA ALA A 85 -9.84 -9.56 -8.88
C ALA A 85 -10.39 -8.58 -7.85
N GLY A 86 -9.60 -8.32 -6.81
CA GLY A 86 -10.03 -7.44 -5.73
C GLY A 86 -10.22 -6.00 -6.17
N LEU A 87 -9.38 -5.56 -7.09
CA LEU A 87 -9.46 -4.19 -7.59
C LEU A 87 -10.28 -4.10 -8.87
N GLY A 88 -10.83 -5.23 -9.30
CA GLY A 88 -11.67 -5.26 -10.49
C GLY A 88 -10.94 -4.88 -11.76
N ILE A 89 -9.67 -5.28 -11.87
CA ILE A 89 -8.86 -4.97 -13.04
C ILE A 89 -9.16 -5.92 -14.20
N ASP A 90 -9.89 -5.44 -15.19
CA ASP A 90 -10.38 -6.28 -16.28
C ASP A 90 -9.31 -6.51 -17.36
N ASN A 91 -8.49 -5.49 -17.62
CA ASN A 91 -7.52 -5.56 -18.70
C ASN A 91 -6.13 -5.15 -18.25
N ILE A 92 -5.15 -6.00 -18.52
CA ILE A 92 -3.80 -5.75 -18.08
C ILE A 92 -2.84 -6.77 -18.66
N VAL A 93 -1.60 -6.33 -18.90
CA VAL A 93 -0.55 -7.24 -19.32
C VAL A 93 0.46 -7.37 -18.18
N ILE A 94 0.72 -8.61 -17.79
CA ILE A 94 1.64 -8.90 -16.69
C ILE A 94 2.86 -9.63 -17.22
N GLU A 95 4.01 -8.97 -17.19
CA GLU A 95 5.24 -9.55 -17.72
C GLU A 95 6.24 -9.86 -16.61
N VAL A 96 6.92 -10.98 -16.76
CA VAL A 96 8.03 -11.35 -15.87
C VAL A 96 9.18 -11.92 -16.68
N ASN A 97 10.40 -11.56 -16.30
CA ASN A 97 11.60 -12.02 -16.97
C ASN A 97 12.08 -13.35 -16.38
N ALA A 98 11.13 -14.20 -16.01
CA ALA A 98 11.43 -15.47 -15.37
C ALA A 98 10.22 -16.39 -15.51
N PRO A 99 10.36 -17.64 -15.07
CA PRO A 99 9.24 -18.59 -15.20
C PRO A 99 8.20 -18.48 -14.09
N GLU A 100 8.40 -17.58 -13.13
CA GLU A 100 7.46 -17.42 -12.03
C GLU A 100 7.31 -15.98 -11.57
N ILE A 101 6.11 -15.64 -11.10
CA ILE A 101 5.85 -14.36 -10.48
C ILE A 101 6.53 -14.32 -9.12
N PRO A 102 7.07 -13.16 -8.72
CA PRO A 102 7.71 -13.06 -7.41
C PRO A 102 6.73 -13.37 -6.28
N ILE A 103 7.23 -13.99 -5.21
CA ILE A 103 6.36 -14.39 -4.10
C ILE A 103 6.06 -13.22 -3.16
N MET A 104 6.91 -12.19 -3.21
CA MET A 104 6.75 -11.04 -2.33
C MET A 104 6.69 -11.49 -0.86
N ASP A 105 5.65 -11.08 -0.13
CA ASP A 105 5.54 -11.41 1.29
C ASP A 105 4.59 -12.57 1.56
N GLY A 106 4.13 -13.22 0.50
CA GLY A 106 3.25 -14.36 0.64
C GLY A 106 1.78 -13.99 0.63
N SER A 107 1.48 -12.69 0.54
CA SER A 107 0.11 -12.22 0.48
C SER A 107 -0.13 -11.51 -0.85
N ALA A 108 -1.23 -10.77 -0.95
CA ALA A 108 -1.56 -10.02 -2.16
C ALA A 108 -1.36 -8.52 -1.98
N ALA A 109 -1.08 -8.11 -0.74
CA ALA A 109 -1.02 -6.68 -0.41
C ALA A 109 0.02 -5.92 -1.23
N PRO A 110 1.25 -6.45 -1.32
CA PRO A 110 2.27 -5.78 -2.14
C PRO A 110 1.82 -5.56 -3.58
N PHE A 111 1.05 -6.49 -4.12
CA PHE A 111 0.54 -6.37 -5.48
C PHE A 111 -0.52 -5.26 -5.55
N VAL A 112 -1.32 -5.14 -4.49
CA VAL A 112 -2.33 -4.10 -4.42
C VAL A 112 -1.67 -2.73 -4.40
N TYR A 113 -0.66 -2.56 -3.56
CA TYR A 113 0.08 -1.31 -3.47
C TYR A 113 0.72 -0.98 -4.80
N LEU A 114 1.28 -1.99 -5.46
CA LEU A 114 1.90 -1.81 -6.77
C LEU A 114 0.86 -1.33 -7.77
N LEU A 115 -0.33 -1.92 -7.72
CA LEU A 115 -1.42 -1.53 -8.61
C LEU A 115 -1.88 -0.10 -8.33
N LEU A 116 -1.96 0.25 -7.05
CA LEU A 116 -2.32 1.61 -6.67
C LEU A 116 -1.25 2.60 -7.11
N ASP A 117 0.02 2.18 -7.00
CA ASP A 117 1.13 3.02 -7.41
C ASP A 117 1.08 3.28 -8.91
N ALA A 118 0.56 2.31 -9.65
CA ALA A 118 0.40 2.45 -11.10
C ALA A 118 -0.78 3.36 -11.40
N GLY A 119 -1.85 3.22 -10.61
CA GLY A 119 -3.06 4.00 -10.80
C GLY A 119 -4.07 3.24 -11.63
N ILE A 120 -5.35 3.42 -11.29
CA ILE A 120 -6.42 2.72 -11.98
C ILE A 120 -7.05 3.62 -13.04
N ASP A 121 -7.32 3.06 -14.21
CA ASP A 121 -7.93 3.82 -15.30
C ASP A 121 -9.22 3.15 -15.76
N GLU A 122 -10.32 3.87 -15.62
CA GLU A 122 -11.61 3.36 -16.10
C GLU A 122 -11.77 3.63 -17.58
N LEU A 123 -12.06 2.57 -18.34
CA LEU A 123 -12.24 2.70 -19.78
C LEU A 123 -13.70 2.95 -20.12
N ASN A 124 -13.94 3.59 -21.27
CA ASN A 124 -15.31 3.85 -21.72
C ASN A 124 -15.91 2.60 -22.35
N CYS A 125 -16.04 1.55 -21.56
CA CYS A 125 -16.62 0.29 -22.03
C CYS A 125 -17.22 -0.47 -20.85
N ALA A 126 -18.40 -1.04 -21.06
CA ALA A 126 -19.16 -1.67 -19.98
C ALA A 126 -18.44 -2.89 -19.40
N LYS A 127 -18.22 -2.87 -18.09
CA LYS A 127 -17.63 -4.00 -17.38
C LYS A 127 -18.64 -5.14 -17.32
N LYS A 128 -18.24 -6.33 -17.79
CA LYS A 128 -19.14 -7.48 -17.80
C LYS A 128 -18.96 -8.34 -16.57
N PHE A 129 -20.06 -8.57 -15.86
CA PHE A 129 -20.08 -9.46 -14.70
C PHE A 129 -20.67 -10.80 -15.08
N VAL A 130 -20.14 -11.87 -14.50
CA VAL A 130 -20.77 -13.18 -14.60
C VAL A 130 -21.74 -13.32 -13.44
N ARG A 131 -23.03 -13.43 -13.75
CA ARG A 131 -24.04 -13.56 -12.70
C ARG A 131 -24.49 -15.00 -12.52
N ILE A 132 -24.42 -15.48 -11.28
CA ILE A 132 -24.89 -16.82 -10.94
C ILE A 132 -26.43 -16.85 -10.89
N LYS A 133 -27.03 -17.81 -11.59
CA LYS A 133 -28.49 -17.91 -11.64
C LYS A 133 -28.99 -19.30 -11.27
N GLU A 134 -28.06 -20.21 -11.00
CA GLU A 134 -28.39 -21.54 -10.49
C GLU A 134 -27.39 -21.89 -9.40
N THR A 135 -27.80 -22.74 -8.47
CA THR A 135 -26.87 -23.26 -7.47
C THR A 135 -26.02 -24.36 -8.10
N VAL A 136 -24.70 -24.16 -8.06
CA VAL A 136 -23.77 -25.17 -8.54
C VAL A 136 -22.89 -25.62 -7.39
N ARG A 137 -22.68 -26.93 -7.28
CA ARG A 137 -21.92 -27.48 -6.17
C ARG A 137 -20.97 -28.56 -6.68
N VAL A 138 -19.75 -28.54 -6.16
CA VAL A 138 -18.77 -29.58 -6.45
C VAL A 138 -18.26 -30.15 -5.13
N GLU A 139 -17.76 -31.38 -5.18
CA GLU A 139 -17.31 -32.06 -3.98
C GLU A 139 -16.03 -32.84 -4.22
N ASP A 140 -15.32 -33.11 -3.12
CA ASP A 140 -14.15 -33.98 -3.13
C ASP A 140 -14.07 -34.63 -1.75
N GLY A 141 -14.74 -35.76 -1.58
CA GLY A 141 -14.83 -36.41 -0.30
C GLY A 141 -15.68 -35.59 0.66
N ASP A 142 -15.07 -35.11 1.74
CA ASP A 142 -15.77 -34.28 2.70
C ASP A 142 -15.63 -32.80 2.33
N LYS A 143 -14.78 -32.52 1.34
CA LYS A 143 -14.58 -31.16 0.87
C LYS A 143 -15.67 -30.77 -0.12
N TRP A 144 -16.05 -29.49 -0.12
CA TRP A 144 -17.01 -29.00 -1.10
C TRP A 144 -16.93 -27.49 -1.29
N ALA A 145 -17.47 -27.03 -2.42
CA ALA A 145 -17.53 -25.62 -2.73
C ALA A 145 -18.78 -25.41 -3.58
N GLU A 146 -19.49 -24.31 -3.33
CA GLU A 146 -20.72 -24.05 -4.06
C GLU A 146 -20.87 -22.57 -4.42
N PHE A 147 -21.57 -22.33 -5.51
CA PHE A 147 -22.01 -21.01 -5.89
C PHE A 147 -23.53 -21.02 -5.91
N LYS A 148 -24.15 -19.99 -5.34
CA LYS A 148 -25.59 -19.86 -5.44
C LYS A 148 -25.93 -18.39 -5.74
N PRO A 149 -27.10 -18.16 -6.36
CA PRO A 149 -27.48 -16.82 -6.78
C PRO A 149 -27.55 -15.86 -5.60
N TYR A 150 -27.17 -14.61 -5.81
CA TYR A 150 -27.14 -13.60 -4.75
C TYR A 150 -26.77 -12.25 -5.36
N ASN A 151 -27.63 -11.26 -5.13
CA ASN A 151 -27.43 -9.93 -5.71
C ASN A 151 -26.32 -9.17 -4.99
N GLY A 152 -25.08 -9.62 -5.18
CA GLY A 152 -23.94 -9.00 -4.57
C GLY A 152 -22.71 -9.87 -4.73
N PHE A 153 -21.76 -9.72 -3.82
CA PHE A 153 -20.51 -10.48 -3.84
C PHE A 153 -20.22 -10.95 -2.42
N SER A 154 -20.26 -12.26 -2.22
CA SER A 154 -20.10 -12.84 -0.89
C SER A 154 -19.20 -14.07 -0.91
N LEU A 155 -18.34 -14.18 0.10
CA LEU A 155 -17.52 -15.38 0.28
C LEU A 155 -17.67 -15.90 1.70
N ASP A 156 -17.73 -17.22 1.84
CA ASP A 156 -17.84 -17.87 3.14
C ASP A 156 -16.94 -19.10 3.12
N PHE A 157 -15.84 -19.05 3.85
CA PHE A 157 -14.85 -20.11 3.79
C PHE A 157 -14.63 -20.76 5.15
N THR A 158 -14.59 -22.08 5.15
CA THR A 158 -14.29 -22.84 6.37
C THR A 158 -13.15 -23.81 6.10
N ILE A 159 -12.18 -23.84 7.02
CA ILE A 159 -11.08 -24.77 6.91
C ILE A 159 -11.10 -25.75 8.08
N ASP A 160 -10.26 -26.77 8.00
CA ASP A 160 -10.09 -27.72 9.10
C ASP A 160 -8.68 -28.30 9.05
N PHE A 161 -7.75 -27.60 9.66
CA PHE A 161 -6.35 -28.02 9.65
C PHE A 161 -6.05 -28.95 10.83
N ASN A 162 -6.85 -28.86 11.88
CA ASN A 162 -6.65 -29.66 13.09
C ASN A 162 -5.36 -29.31 13.81
N HIS A 163 -4.63 -28.35 13.26
CA HIS A 163 -3.33 -27.96 13.81
C HIS A 163 -3.51 -27.22 15.14
N PRO A 164 -2.71 -27.59 16.15
CA PRO A 164 -2.68 -26.93 17.46
C PRO A 164 -2.66 -25.41 17.41
N ALA A 165 -2.12 -24.84 16.32
CA ALA A 165 -1.99 -23.38 16.22
C ALA A 165 -3.22 -22.71 15.61
N ILE A 166 -4.25 -23.49 15.31
CA ILE A 166 -5.49 -22.94 14.79
C ILE A 166 -6.67 -23.30 15.69
N ASP A 167 -7.20 -22.28 16.38
CA ASP A 167 -8.34 -22.47 17.26
C ASP A 167 -9.61 -22.59 16.43
N SER A 168 -10.56 -23.39 16.91
CA SER A 168 -11.81 -23.59 16.20
C SER A 168 -12.56 -22.28 16.01
N SER A 169 -12.22 -21.28 16.82
CA SER A 169 -12.85 -19.98 16.71
C SER A 169 -12.37 -19.23 15.46
N ASN A 170 -11.32 -19.74 14.83
CA ASN A 170 -10.74 -19.09 13.66
C ASN A 170 -10.77 -19.97 12.41
N GLN A 171 -11.69 -20.93 12.39
N GLN A 171 -11.66 -20.94 12.36
CA GLN A 171 -11.81 -21.88 11.29
CA GLN A 171 -11.71 -21.83 11.21
C GLN A 171 -12.58 -21.28 10.11
C GLN A 171 -12.80 -21.46 10.19
N ARG A 172 -13.46 -20.33 10.42
CA ARG A 172 -14.43 -19.84 9.46
C ARG A 172 -14.42 -18.32 9.32
N TYR A 173 -14.62 -17.85 8.10
CA TYR A 173 -14.70 -16.43 7.83
C TYR A 173 -15.67 -16.19 6.67
N ALA A 174 -16.53 -15.20 6.83
CA ALA A 174 -17.48 -14.84 5.79
C ALA A 174 -17.47 -13.33 5.61
N MET A 175 -17.52 -12.87 4.37
CA MET A 175 -17.56 -11.44 4.13
C MET A 175 -18.25 -11.07 2.84
N ASN A 176 -18.80 -9.85 2.82
CA ASN A 176 -19.31 -9.27 1.61
C ASN A 176 -18.16 -8.60 0.87
N PHE A 177 -18.02 -8.93 -0.41
CA PHE A 177 -16.82 -8.60 -1.17
C PHE A 177 -16.90 -7.23 -1.84
N SER A 178 -15.83 -6.45 -1.67
CA SER A 178 -15.67 -5.20 -2.38
C SER A 178 -14.17 -4.90 -2.44
N ALA A 179 -13.79 -3.88 -3.18
CA ALA A 179 -12.39 -3.52 -3.30
C ALA A 179 -11.82 -3.16 -1.93
N ASP A 180 -12.56 -2.34 -1.19
CA ASP A 180 -12.14 -1.90 0.13
C ASP A 180 -12.00 -3.08 1.09
N ALA A 181 -12.98 -3.98 1.07
CA ALA A 181 -12.98 -5.14 1.95
C ALA A 181 -11.79 -6.05 1.62
N PHE A 182 -11.54 -6.25 0.33
CA PHE A 182 -10.42 -7.09 -0.07
C PHE A 182 -9.11 -6.53 0.46
N MET A 183 -8.91 -5.23 0.30
CA MET A 183 -7.65 -4.61 0.71
C MET A 183 -7.45 -4.66 2.21
N ARG A 184 -8.47 -4.27 2.96
CA ARG A 184 -8.33 -4.09 4.40
C ARG A 184 -8.55 -5.38 5.20
N GLN A 185 -9.25 -6.35 4.62
CA GLN A 185 -9.60 -7.57 5.34
C GLN A 185 -8.86 -8.82 4.85
N ILE A 186 -8.51 -8.84 3.57
CA ILE A 186 -7.99 -10.05 2.96
C ILE A 186 -6.58 -9.93 2.37
N SER A 187 -6.29 -8.81 1.74
CA SER A 187 -5.08 -8.68 0.93
C SER A 187 -3.79 -9.09 1.65
N ARG A 188 -3.69 -8.77 2.94
CA ARG A 188 -2.44 -8.96 3.67
C ARG A 188 -2.27 -10.35 4.28
N ALA A 189 -3.29 -11.20 4.14
CA ALA A 189 -3.24 -12.56 4.69
C ALA A 189 -2.26 -13.42 3.89
N ARG A 190 -1.26 -13.97 4.57
CA ARG A 190 -0.17 -14.69 3.90
C ARG A 190 -0.42 -16.18 3.78
N THR A 191 0.25 -16.79 2.81
CA THR A 191 0.27 -18.24 2.69
C THR A 191 1.08 -18.83 3.85
N PHE A 192 1.09 -20.15 3.96
CA PHE A 192 1.86 -20.81 5.02
C PHE A 192 2.50 -22.11 4.56
N GLY A 193 3.47 -22.57 5.32
CA GLY A 193 4.11 -23.85 5.07
C GLY A 193 4.68 -24.44 6.34
N PHE A 194 4.82 -25.75 6.38
CA PHE A 194 5.44 -26.43 7.52
C PHE A 194 6.95 -26.37 7.38
N MET A 195 7.63 -26.07 8.48
CA MET A 195 9.08 -26.01 8.48
C MET A 195 9.68 -27.28 7.85
N ARG A 196 9.17 -28.44 8.26
CA ARG A 196 9.67 -29.71 7.76
C ARG A 196 9.58 -29.82 6.25
N ASP A 197 8.45 -29.40 5.68
CA ASP A 197 8.25 -29.48 4.23
C ASP A 197 9.20 -28.54 3.51
N ILE A 198 9.38 -27.34 4.06
CA ILE A 198 10.24 -26.34 3.46
C ILE A 198 11.69 -26.83 3.42
N GLU A 199 12.18 -27.33 4.54
CA GLU A 199 13.55 -27.82 4.62
C GLU A 199 13.75 -29.07 3.79
N TYR A 200 12.72 -29.91 3.70
CA TYR A 200 12.79 -31.11 2.89
C TYR A 200 12.91 -30.74 1.40
N LEU A 201 12.04 -29.83 0.95
CA LEU A 201 12.06 -29.39 -0.44
C LEU A 201 13.40 -28.74 -0.79
N GLN A 202 13.90 -27.90 0.10
CA GLN A 202 15.14 -27.18 -0.17
C GLN A 202 16.36 -28.11 -0.11
N SER A 203 16.23 -29.24 0.57
CA SER A 203 17.29 -30.25 0.56
C SER A 203 17.32 -30.96 -0.79
N ARG A 204 16.26 -30.77 -1.58
CA ARG A 204 16.17 -31.35 -2.90
C ARG A 204 16.39 -30.28 -3.98
N GLY A 205 16.72 -29.07 -3.55
CA GLY A 205 16.92 -27.96 -4.47
C GLY A 205 15.62 -27.31 -4.91
N LEU A 206 14.55 -27.54 -4.16
CA LEU A 206 13.24 -27.02 -4.51
C LEU A 206 12.79 -25.94 -3.53
N CYS A 207 11.78 -25.17 -3.92
CA CYS A 207 11.22 -24.13 -3.06
C CYS A 207 12.34 -23.29 -2.45
N LEU A 208 13.31 -22.93 -3.28
CA LEU A 208 14.50 -22.22 -2.80
C LEU A 208 14.19 -20.81 -2.32
N GLY A 209 13.08 -20.26 -2.78
CA GLY A 209 12.67 -18.92 -2.40
C GLY A 209 11.92 -18.87 -1.09
N GLY A 210 11.71 -20.02 -0.47
CA GLY A 210 10.97 -20.10 0.79
C GLY A 210 11.73 -19.48 1.95
N SER A 211 11.04 -18.66 2.74
CA SER A 211 11.64 -18.01 3.90
C SER A 211 10.56 -17.43 4.81
N PHE A 212 10.96 -16.94 5.98
CA PHE A 212 10.03 -16.32 6.91
C PHE A 212 9.45 -15.03 6.33
N ASP A 213 10.12 -14.50 5.32
CA ASP A 213 9.72 -13.21 4.75
C ASP A 213 8.64 -13.33 3.69
N CYS A 214 8.29 -14.55 3.29
CA CYS A 214 7.31 -14.75 2.23
C CYS A 214 6.19 -15.70 2.64
N ALA A 215 6.09 -16.01 3.93
CA ALA A 215 5.06 -16.94 4.39
C ALA A 215 5.03 -17.09 5.89
N ILE A 216 3.87 -17.48 6.40
CA ILE A 216 3.75 -17.98 7.76
C ILE A 216 4.41 -19.35 7.80
N VAL A 217 5.33 -19.54 8.73
CA VAL A 217 5.97 -20.83 8.91
C VAL A 217 5.58 -21.43 10.25
N VAL A 218 5.12 -22.67 10.23
CA VAL A 218 4.74 -23.36 11.45
C VAL A 218 5.42 -24.73 11.53
N ASP A 219 5.65 -25.20 12.75
CA ASP A 219 6.05 -26.59 12.95
C ASP A 219 4.78 -27.34 13.36
N ASP A 220 4.94 -28.47 14.05
CA ASP A 220 3.78 -29.24 14.47
C ASP A 220 3.14 -28.64 15.73
N TYR A 221 3.63 -27.48 16.15
CA TYR A 221 3.23 -26.93 17.44
C TYR A 221 2.71 -25.49 17.39
N ARG A 222 3.49 -24.58 16.82
N ARG A 222 3.49 -24.58 16.81
CA ARG A 222 3.17 -23.15 16.86
CA ARG A 222 3.15 -23.16 16.85
C ARG A 222 3.60 -22.42 15.61
C ARG A 222 3.54 -22.43 15.57
N VAL A 223 3.18 -21.15 15.51
CA VAL A 223 3.63 -20.27 14.45
C VAL A 223 5.02 -19.78 14.85
N LEU A 224 5.97 -19.86 13.92
CA LEU A 224 7.37 -19.57 14.24
C LEU A 224 7.76 -18.13 13.95
N ASN A 225 7.01 -17.47 13.07
CA ASN A 225 7.32 -16.10 12.70
C ASN A 225 7.45 -15.19 13.91
N GLU A 226 8.48 -14.35 13.90
CA GLU A 226 8.80 -13.50 15.04
C GLU A 226 7.58 -12.73 15.54
N ASP A 227 6.90 -12.03 14.63
CA ASP A 227 5.79 -11.16 15.00
C ASP A 227 4.42 -11.85 14.88
N GLY A 228 4.43 -13.18 14.78
CA GLY A 228 3.19 -13.94 14.79
C GLY A 228 2.33 -13.71 13.56
N LEU A 229 1.01 -13.76 13.76
CA LEU A 229 0.07 -13.62 12.65
C LEU A 229 -0.35 -12.17 12.44
N ARG A 230 -0.81 -11.87 11.23
CA ARG A 230 -1.35 -10.55 10.92
C ARG A 230 -2.82 -10.46 11.34
N PHE A 231 -3.49 -11.62 11.34
CA PHE A 231 -4.84 -11.74 11.87
C PHE A 231 -4.91 -12.99 12.73
N GLU A 232 -5.75 -12.98 13.76
CA GLU A 232 -5.97 -14.18 14.54
C GLU A 232 -6.37 -15.34 13.63
N ASP A 233 -7.06 -15.01 12.54
CA ASP A 233 -7.57 -16.01 11.62
C ASP A 233 -6.98 -15.80 10.23
N GLU A 234 -5.67 -15.59 10.18
CA GLU A 234 -4.99 -15.32 8.92
C GLU A 234 -5.06 -16.51 7.96
N PHE A 235 -5.02 -17.73 8.50
CA PHE A 235 -5.04 -18.92 7.67
C PHE A 235 -6.31 -18.98 6.81
N VAL A 236 -7.47 -18.90 7.44
CA VAL A 236 -8.73 -18.98 6.71
C VAL A 236 -8.86 -17.79 5.75
N ARG A 237 -8.42 -16.62 6.19
CA ARG A 237 -8.46 -15.42 5.34
C ARG A 237 -7.63 -15.63 4.08
N HIS A 238 -6.50 -16.33 4.19
CA HIS A 238 -5.69 -16.57 3.02
C HIS A 238 -6.37 -17.53 2.04
N LYS A 239 -7.04 -18.54 2.57
CA LYS A 239 -7.77 -19.47 1.71
C LYS A 239 -8.82 -18.71 0.91
N MET A 240 -9.40 -17.69 1.53
CA MET A 240 -10.39 -16.87 0.84
C MET A 240 -9.70 -16.05 -0.22
N LEU A 241 -8.56 -15.48 0.14
CA LEU A 241 -7.72 -14.75 -0.81
C LEU A 241 -7.47 -15.63 -2.04
N ASP A 242 -7.10 -16.87 -1.80
CA ASP A 242 -6.77 -17.79 -2.90
C ASP A 242 -8.00 -18.10 -3.76
N ALA A 243 -9.16 -18.28 -3.14
CA ALA A 243 -10.39 -18.53 -3.87
C ALA A 243 -10.73 -17.37 -4.79
N ILE A 244 -10.57 -16.15 -4.27
CA ILE A 244 -10.83 -14.95 -5.06
C ILE A 244 -9.99 -14.93 -6.34
N GLY A 245 -8.72 -15.30 -6.22
CA GLY A 245 -7.85 -15.39 -7.37
C GLY A 245 -8.28 -16.48 -8.33
N ASP A 246 -8.68 -17.63 -7.78
CA ASP A 246 -9.13 -18.76 -8.59
C ASP A 246 -10.34 -18.41 -9.46
N LEU A 247 -11.33 -17.77 -8.83
CA LEU A 247 -12.57 -17.44 -9.49
C LEU A 247 -12.36 -16.44 -10.65
N PHE A 248 -11.34 -15.60 -10.51
CA PHE A 248 -11.11 -14.53 -11.47
C PHE A 248 -10.39 -15.01 -12.73
N MET A 249 -10.18 -16.32 -12.82
CA MET A 249 -9.58 -16.90 -14.01
C MET A 249 -10.56 -16.91 -15.18
N CYS A 250 -11.83 -16.65 -14.89
CA CYS A 250 -12.84 -16.53 -15.94
C CYS A 250 -12.76 -15.15 -16.58
N GLY A 251 -11.95 -14.26 -16.00
CA GLY A 251 -11.71 -12.95 -16.56
C GLY A 251 -12.77 -11.93 -16.19
N HIS A 252 -13.69 -12.30 -15.30
CA HIS A 252 -14.77 -11.40 -14.89
C HIS A 252 -15.10 -11.56 -13.42
N ASN A 253 -15.42 -10.45 -12.77
CA ASN A 253 -15.94 -10.48 -11.41
C ASN A 253 -17.29 -11.20 -11.42
N ILE A 254 -17.59 -11.91 -10.34
CA ILE A 254 -18.79 -12.74 -10.30
C ILE A 254 -19.81 -12.24 -9.29
N ILE A 255 -21.05 -12.11 -9.75
CA ILE A 255 -22.13 -11.73 -8.85
C ILE A 255 -22.79 -12.99 -8.31
N GLY A 256 -22.54 -13.28 -7.03
CA GLY A 256 -23.11 -14.46 -6.41
C GLY A 256 -22.48 -14.74 -5.06
N ALA A 257 -22.96 -15.79 -4.42
CA ALA A 257 -22.46 -16.16 -3.09
C ALA A 257 -21.65 -17.44 -3.19
N PHE A 258 -20.37 -17.34 -2.83
CA PHE A 258 -19.46 -18.48 -2.85
C PHE A 258 -19.28 -19.01 -1.43
N THR A 259 -19.51 -20.31 -1.26
CA THR A 259 -19.33 -20.95 0.03
C THR A 259 -18.46 -22.18 -0.16
N ALA A 260 -17.50 -22.38 0.74
CA ALA A 260 -16.60 -23.52 0.61
C ALA A 260 -16.24 -24.10 1.97
N TYR A 261 -15.99 -25.40 1.96
CA TYR A 261 -15.59 -26.14 3.15
C TYR A 261 -14.37 -26.97 2.81
N LYS A 262 -13.22 -26.58 3.35
CA LYS A 262 -11.97 -27.30 3.13
C LYS A 262 -11.62 -27.36 1.65
N SER A 263 -11.99 -26.34 0.90
CA SER A 263 -11.70 -26.30 -0.53
C SER A 263 -10.27 -25.83 -0.75
N GLY A 264 -9.87 -25.78 -2.02
CA GLY A 264 -8.54 -25.33 -2.39
C GLY A 264 -8.53 -24.94 -3.86
N HIS A 265 -7.35 -24.67 -4.40
CA HIS A 265 -7.24 -24.24 -5.79
C HIS A 265 -7.91 -25.23 -6.73
N ALA A 266 -7.61 -26.51 -6.56
CA ALA A 266 -8.13 -27.54 -7.45
C ALA A 266 -9.65 -27.60 -7.40
N LEU A 267 -10.21 -27.61 -6.19
CA LEU A 267 -11.66 -27.71 -6.05
C LEU A 267 -12.34 -26.39 -6.44
N ASN A 268 -11.67 -25.27 -6.17
CA ASN A 268 -12.21 -23.97 -6.55
C ASN A 268 -12.32 -23.82 -8.07
N ASN A 269 -11.29 -24.24 -8.78
CA ASN A 269 -11.29 -24.21 -10.24
C ASN A 269 -12.32 -25.18 -10.81
N LYS A 270 -12.44 -26.34 -10.16
CA LYS A 270 -13.42 -27.34 -10.56
C LYS A 270 -14.82 -26.74 -10.50
N LEU A 271 -15.09 -25.98 -9.43
CA LEU A 271 -16.37 -25.31 -9.30
C LEU A 271 -16.53 -24.29 -10.44
N LEU A 272 -15.49 -23.50 -10.66
CA LEU A 272 -15.53 -22.48 -11.70
C LEU A 272 -15.90 -23.09 -13.06
N GLN A 273 -15.16 -24.12 -13.46
CA GLN A 273 -15.41 -24.76 -14.75
C GLN A 273 -16.80 -25.39 -14.80
N ALA A 274 -17.26 -25.90 -13.66
CA ALA A 274 -18.58 -26.52 -13.58
C ALA A 274 -19.66 -25.47 -13.83
N VAL A 275 -19.51 -24.29 -13.24
CA VAL A 275 -20.46 -23.21 -13.47
C VAL A 275 -20.43 -22.80 -14.93
N LEU A 276 -19.23 -22.54 -15.46
CA LEU A 276 -19.09 -22.08 -16.84
C LEU A 276 -19.63 -23.10 -17.83
N ALA A 277 -19.45 -24.39 -17.53
CA ALA A 277 -19.92 -25.46 -18.41
C ALA A 277 -21.44 -25.54 -18.45
N LYS A 278 -22.08 -25.13 -17.36
CA LYS A 278 -23.54 -25.16 -17.25
C LYS A 278 -24.11 -23.83 -17.74
N GLN A 279 -24.37 -23.74 -19.04
CA GLN A 279 -24.72 -22.47 -19.68
C GLN A 279 -25.87 -21.72 -18.99
N GLU A 280 -26.85 -22.46 -18.50
CA GLU A 280 -28.03 -21.85 -17.89
C GLU A 280 -27.79 -21.49 -16.42
N ALA A 281 -26.58 -21.74 -15.94
CA ALA A 281 -26.23 -21.46 -14.55
C ALA A 281 -25.61 -20.07 -14.41
N TRP A 282 -25.41 -19.39 -15.52
CA TRP A 282 -24.80 -18.05 -15.48
C TRP A 282 -25.17 -17.21 -16.70
N GLU A 283 -24.83 -15.92 -16.63
CA GLU A 283 -25.09 -15.00 -17.73
C GLU A 283 -24.22 -13.76 -17.56
N TYR A 284 -24.01 -13.02 -18.65
CA TYR A 284 -23.30 -11.75 -18.59
C TYR A 284 -24.28 -10.63 -18.28
N VAL A 285 -23.89 -9.75 -17.36
CA VAL A 285 -24.69 -8.57 -17.06
C VAL A 285 -23.81 -7.32 -17.02
N THR A 286 -24.38 -6.21 -17.48
CA THR A 286 -23.70 -4.92 -17.47
C THR A 286 -24.62 -3.88 -16.82
N PHE A 287 -24.05 -2.76 -16.38
CA PHE A 287 -24.83 -1.74 -15.71
C PHE A 287 -24.52 -0.35 -16.25
N GLN A 288 -25.58 0.40 -16.55
CA GLN A 288 -25.43 1.76 -17.05
C GLN A 288 -26.50 2.67 -16.46
N ASP A 289 -26.34 3.97 -16.71
CA ASP A 289 -27.26 4.97 -16.18
C ASP A 289 -28.48 5.12 -17.07
N ASP A 290 -29.56 5.68 -16.52
CA ASP A 290 -30.77 5.91 -17.27
C ASP A 290 -30.50 6.71 -18.53
N ALA A 291 -29.62 7.71 -18.41
CA ALA A 291 -29.30 8.60 -19.52
C ALA A 291 -28.69 7.84 -20.70
N GLU A 292 -27.99 6.75 -20.41
CA GLU A 292 -27.29 6.00 -21.45
C GLU A 292 -28.23 5.13 -22.28
N LEU A 293 -29.48 4.98 -21.82
CA LEU A 293 -30.47 4.23 -22.57
C LEU A 293 -30.64 4.83 -23.96
N PRO A 294 -30.63 3.99 -25.00
CA PRO A 294 -30.82 4.51 -26.36
C PRO A 294 -32.00 5.48 -26.43
N LEU A 295 -31.78 6.64 -27.03
CA LEU A 295 -32.82 7.67 -27.11
C LEU A 295 -34.09 7.15 -27.77
N ALA A 296 -34.01 5.96 -28.36
CA ALA A 296 -35.17 5.34 -29.00
C ALA A 296 -36.01 4.58 -27.99
N PHE A 297 -35.36 3.77 -27.16
CA PHE A 297 -36.07 2.88 -26.23
C PHE A 297 -36.80 3.63 -25.12
N LYS A 298 -36.59 4.94 -25.01
CA LYS A 298 -37.37 5.75 -24.09
C LYS A 298 -38.78 5.84 -24.64
N ALA A 299 -39.40 4.67 -24.79
CA ALA A 299 -40.62 4.55 -25.57
C ALA A 299 -41.70 3.78 -24.80
N PRO A 300 -42.64 4.51 -24.19
CA PRO A 300 -43.79 3.92 -23.50
C PRO A 300 -44.86 3.43 -24.46
N MET B 1 -19.80 18.98 2.05
CA MET B 1 -18.66 19.85 2.42
C MET B 1 -17.38 19.04 2.42
N ILE B 2 -16.24 19.73 2.41
CA ILE B 2 -14.95 19.07 2.49
C ILE B 2 -14.62 18.79 3.94
N LYS B 3 -14.61 17.50 4.30
CA LYS B 3 -14.63 17.09 5.70
C LYS B 3 -13.26 16.69 6.23
N GLN B 4 -13.09 16.80 7.55
CA GLN B 4 -11.88 16.36 8.21
C GLN B 4 -11.77 14.83 8.15
N ARG B 5 -10.60 14.30 8.50
CA ARG B 5 -10.36 12.86 8.37
C ARG B 5 -9.70 12.25 9.60
N THR B 6 -9.92 10.95 9.78
CA THR B 6 -9.19 10.15 10.76
C THR B 6 -9.17 8.71 10.26
N LEU B 7 -8.80 7.78 11.14
CA LEU B 7 -8.72 6.37 10.76
C LEU B 7 -10.04 5.67 11.06
N LYS B 8 -10.37 4.66 10.25
CA LYS B 8 -11.59 3.90 10.48
C LYS B 8 -11.43 2.90 11.63
N ARG B 9 -10.18 2.55 11.94
CA ARG B 9 -9.91 1.56 12.97
C ARG B 9 -8.46 1.64 13.44
N ILE B 10 -8.17 1.00 14.56
CA ILE B 10 -6.81 0.93 15.08
C ILE B 10 -5.97 -0.05 14.28
N VAL B 11 -4.71 0.29 14.04
CA VAL B 11 -3.79 -0.59 13.34
C VAL B 11 -2.41 -0.53 14.00
N GLN B 12 -1.62 -1.58 13.83
CA GLN B 12 -0.28 -1.64 14.42
C GLN B 12 0.78 -2.03 13.40
N ALA B 13 2.02 -1.70 13.72
CA ALA B 13 3.16 -2.03 12.86
C ALA B 13 4.41 -2.24 13.69
N THR B 14 5.40 -2.93 13.11
CA THR B 14 6.65 -3.19 13.78
C THR B 14 7.82 -2.71 12.91
N GLY B 15 8.87 -2.22 13.56
CA GLY B 15 10.03 -1.73 12.84
C GLY B 15 11.22 -1.50 13.75
N VAL B 16 12.39 -1.34 13.15
CA VAL B 16 13.62 -1.13 13.91
C VAL B 16 13.89 0.36 14.09
N GLY B 17 14.36 0.73 15.28
CA GLY B 17 14.71 2.11 15.57
C GLY B 17 16.10 2.42 15.07
N LEU B 18 16.25 3.60 14.45
CA LEU B 18 17.52 4.00 13.86
C LEU B 18 18.60 4.12 14.94
N HIS B 19 18.28 4.80 16.03
CA HIS B 19 19.23 4.99 17.13
C HIS B 19 19.59 3.65 17.76
N THR B 20 18.63 3.07 18.47
CA THR B 20 18.85 1.82 19.20
C THR B 20 19.17 0.68 18.25
N GLY B 21 18.27 0.41 17.31
CA GLY B 21 18.41 -0.71 16.41
C GLY B 21 17.61 -1.91 16.87
N LYS B 22 16.74 -1.68 17.86
CA LYS B 22 15.90 -2.74 18.40
C LYS B 22 14.48 -2.63 17.85
N LYS B 23 13.64 -3.60 18.19
CA LYS B 23 12.27 -3.63 17.69
C LYS B 23 11.43 -2.51 18.30
N VAL B 24 10.61 -1.88 17.48
CA VAL B 24 9.71 -0.83 17.92
C VAL B 24 8.31 -1.07 17.37
N THR B 25 7.32 -1.05 18.26
CA THR B 25 5.94 -1.30 17.87
C THR B 25 5.17 0.02 17.73
N LEU B 26 4.52 0.20 16.59
CA LEU B 26 3.78 1.43 16.31
C LEU B 26 2.28 1.16 16.33
N THR B 27 1.52 2.03 16.99
CA THR B 27 0.07 1.88 17.07
C THR B 27 -0.65 3.17 16.66
N LEU B 28 -1.51 3.05 15.66
CA LEU B 28 -2.29 4.18 15.16
C LEU B 28 -3.73 4.10 15.65
N ARG B 29 -4.24 5.19 16.20
CA ARG B 29 -5.60 5.22 16.74
C ARG B 29 -6.42 6.33 16.09
N PRO B 30 -7.69 6.01 15.74
CA PRO B 30 -8.63 7.03 15.29
C PRO B 30 -8.86 8.10 16.35
N ALA B 31 -9.40 9.25 15.97
CA ALA B 31 -9.67 10.32 16.92
C ALA B 31 -10.79 11.24 16.42
N PRO B 32 -11.50 11.90 17.35
CA PRO B 32 -12.61 12.78 17.00
C PRO B 32 -12.15 14.02 16.23
N ALA B 33 -13.11 14.81 15.76
CA ALA B 33 -12.78 16.04 15.05
C ALA B 33 -12.11 17.04 15.98
N ASN B 34 -11.19 17.82 15.43
CA ASN B 34 -10.55 18.91 16.17
C ASN B 34 -9.63 18.46 17.30
N THR B 35 -9.23 17.20 17.29
CA THR B 35 -8.22 16.71 18.22
C THR B 35 -6.83 16.93 17.63
N GLY B 36 -6.76 16.93 16.31
CA GLY B 36 -5.51 17.17 15.60
C GLY B 36 -4.62 15.94 15.58
N VAL B 37 -3.33 16.15 15.39
CA VAL B 37 -2.36 15.06 15.36
C VAL B 37 -1.62 14.96 16.69
N ILE B 38 -1.68 13.79 17.32
CA ILE B 38 -1.07 13.60 18.63
C ILE B 38 -0.13 12.41 18.62
N TYR B 39 1.11 12.64 19.04
CA TYR B 39 2.07 11.55 19.24
C TYR B 39 2.08 11.17 20.72
N ARG B 40 2.26 9.89 20.99
CA ARG B 40 2.22 9.39 22.37
C ARG B 40 3.38 8.46 22.65
N ARG B 41 4.13 8.76 23.71
CA ARG B 41 5.31 8.00 24.08
C ARG B 41 4.97 7.05 25.23
N THR B 42 4.67 5.80 24.92
CA THR B 42 4.21 4.84 25.92
C THR B 42 5.35 4.10 26.63
N ASP B 43 6.55 4.17 26.07
CA ASP B 43 7.70 3.49 26.67
C ASP B 43 8.05 4.14 28.00
N LEU B 44 7.85 5.45 28.09
CA LEU B 44 8.13 6.19 29.31
C LEU B 44 7.15 5.81 30.41
N ASN B 45 7.35 6.36 31.60
CA ASN B 45 6.52 6.04 32.74
C ASN B 45 6.38 7.23 33.70
N PRO B 46 5.24 7.92 33.66
CA PRO B 46 4.10 7.62 32.78
C PRO B 46 4.39 7.97 31.32
N PRO B 47 3.44 7.70 30.42
CA PRO B 47 3.56 8.07 29.01
C PRO B 47 3.49 9.57 28.79
N VAL B 48 3.73 10.01 27.56
CA VAL B 48 3.75 11.44 27.24
C VAL B 48 3.00 11.74 25.95
N ASP B 49 2.38 12.91 25.90
CA ASP B 49 1.69 13.38 24.69
C ASP B 49 2.49 14.48 24.00
N PHE B 50 2.77 14.29 22.72
CA PHE B 50 3.47 15.30 21.92
C PHE B 50 2.57 15.80 20.79
N PRO B 51 1.74 16.81 21.08
CA PRO B 51 0.86 17.35 20.04
C PRO B 51 1.66 17.96 18.89
N ALA B 52 1.22 17.70 17.66
CA ALA B 52 1.90 18.24 16.49
C ALA B 52 1.82 19.76 16.51
N ASP B 53 2.97 20.41 16.69
CA ASP B 53 3.02 21.87 16.77
C ASP B 53 4.32 22.38 16.16
N ALA B 54 4.23 23.51 15.46
CA ALA B 54 5.38 24.09 14.80
C ALA B 54 6.47 24.50 15.80
N LYS B 55 6.06 24.81 17.02
CA LYS B 55 6.98 25.28 18.05
C LYS B 55 7.68 24.14 18.79
N SER B 56 7.13 22.94 18.68
CA SER B 56 7.63 21.79 19.44
C SER B 56 8.64 20.96 18.64
N VAL B 57 9.15 21.53 17.56
CA VAL B 57 10.04 20.79 16.67
C VAL B 57 11.51 21.08 16.94
N ARG B 58 12.32 20.02 16.97
CA ARG B 58 13.76 20.15 17.15
C ARG B 58 14.50 19.30 16.12
N ASP B 59 15.76 19.64 15.86
CA ASP B 59 16.52 18.98 14.80
C ASP B 59 17.69 18.15 15.34
N THR B 60 17.86 16.97 14.76
CA THR B 60 19.00 16.11 15.06
C THR B 60 19.71 15.77 13.77
N MET B 61 20.99 15.42 13.86
CA MET B 61 21.78 15.11 12.67
C MET B 61 21.18 13.96 11.86
N LEU B 62 20.41 13.11 12.53
CA LEU B 62 19.87 11.91 11.89
C LEU B 62 18.35 11.79 11.99
N CYS B 63 17.72 12.75 12.64
CA CYS B 63 16.27 12.71 12.82
C CYS B 63 15.72 14.06 13.24
N THR B 64 14.40 14.15 13.34
CA THR B 64 13.75 15.35 13.85
C THR B 64 12.76 14.95 14.93
N CYS B 65 12.62 15.79 15.94
CA CYS B 65 11.91 15.40 17.15
C CYS B 65 10.81 16.37 17.55
N LEU B 66 9.79 15.85 18.22
CA LEU B 66 8.86 16.66 18.99
C LEU B 66 9.34 16.61 20.43
N VAL B 67 9.43 17.77 21.09
CA VAL B 67 9.96 17.83 22.44
C VAL B 67 9.02 18.57 23.39
N ASN B 68 8.91 18.05 24.61
CA ASN B 68 8.06 18.64 25.65
C ASN B 68 8.84 19.69 26.44
N GLU B 69 8.14 20.39 27.33
CA GLU B 69 8.78 21.41 28.17
C GLU B 69 9.91 20.80 29.00
N HIS B 70 9.76 19.53 29.37
CA HIS B 70 10.79 18.82 30.12
C HIS B 70 11.96 18.41 29.22
N ASP B 71 12.01 18.98 28.01
CA ASP B 71 13.06 18.67 27.06
C ASP B 71 13.05 17.17 26.74
N VAL B 72 11.90 16.53 26.98
CA VAL B 72 11.72 15.13 26.67
C VAL B 72 11.22 14.99 25.24
N ARG B 73 11.93 14.22 24.42
CA ARG B 73 11.67 14.19 22.99
C ARG B 73 11.35 12.80 22.45
N ILE B 74 10.64 12.78 21.32
CA ILE B 74 10.42 11.55 20.56
C ILE B 74 10.96 11.75 19.15
N SER B 75 11.78 10.81 18.69
CA SER B 75 12.56 11.02 17.47
C SER B 75 11.93 10.41 16.22
N THR B 76 12.35 10.93 15.07
CA THR B 76 11.93 10.41 13.76
C THR B 76 10.43 10.52 13.53
N VAL B 77 9.93 11.75 13.48
CA VAL B 77 8.53 12.01 13.17
C VAL B 77 8.38 12.52 11.74
N GLU B 78 9.51 12.84 11.12
CA GLU B 78 9.51 13.55 9.84
C GLU B 78 8.77 12.82 8.72
N HIS B 79 8.91 11.50 8.65
CA HIS B 79 8.38 10.75 7.52
C HIS B 79 6.93 10.31 7.73
N LEU B 80 6.61 9.91 8.96
CA LEU B 80 5.23 9.56 9.30
C LEU B 80 4.33 10.77 9.15
N ASN B 81 4.82 11.94 9.55
CA ASN B 81 4.06 13.17 9.44
C ASN B 81 3.78 13.52 7.98
N ALA B 82 4.74 13.20 7.11
CA ALA B 82 4.59 13.42 5.67
C ALA B 82 3.47 12.55 5.12
N ALA B 83 3.40 11.31 5.59
CA ALA B 83 2.36 10.38 5.18
C ALA B 83 0.98 10.91 5.58
N LEU B 84 0.86 11.38 6.81
CA LEU B 84 -0.39 11.95 7.30
C LEU B 84 -0.80 13.15 6.45
N ALA B 85 0.18 14.01 6.16
CA ALA B 85 -0.08 15.20 5.35
C ALA B 85 -0.53 14.82 3.95
N GLY B 86 0.17 13.88 3.34
CA GLY B 86 -0.16 13.44 1.99
C GLY B 86 -1.58 12.93 1.87
N LEU B 87 -2.04 12.21 2.89
CA LEU B 87 -3.37 11.62 2.88
C LEU B 87 -4.40 12.52 3.57
N GLY B 88 -3.95 13.68 4.03
CA GLY B 88 -4.84 14.65 4.65
C GLY B 88 -5.53 14.15 5.91
N ILE B 89 -4.82 13.40 6.74
CA ILE B 89 -5.37 12.91 8.00
C ILE B 89 -5.31 13.98 9.08
N ASP B 90 -6.45 14.63 9.33
CA ASP B 90 -6.51 15.77 10.22
C ASP B 90 -6.42 15.37 11.70
N ASN B 91 -7.04 14.25 12.06
CA ASN B 91 -7.12 13.84 13.45
C ASN B 91 -6.66 12.39 13.65
N ILE B 92 -5.70 12.21 14.56
CA ILE B 92 -5.10 10.90 14.77
C ILE B 92 -4.21 10.88 16.00
N VAL B 93 -4.20 9.75 16.70
CA VAL B 93 -3.32 9.55 17.84
C VAL B 93 -2.30 8.47 17.51
N ILE B 94 -1.02 8.77 17.75
CA ILE B 94 0.07 7.86 17.38
C ILE B 94 0.87 7.46 18.61
N GLU B 95 1.09 6.15 18.77
CA GLU B 95 1.80 5.63 19.93
C GLU B 95 3.06 4.86 19.55
N VAL B 96 4.11 5.02 20.35
CA VAL B 96 5.35 4.28 20.14
C VAL B 96 5.87 3.75 21.48
N ASN B 97 6.29 2.50 21.51
CA ASN B 97 6.83 1.91 22.72
C ASN B 97 8.35 2.05 22.76
N ALA B 98 8.85 3.17 22.26
CA ALA B 98 10.29 3.41 22.21
C ALA B 98 10.59 4.90 22.07
N PRO B 99 11.87 5.27 22.29
CA PRO B 99 12.34 6.66 22.14
C PRO B 99 12.12 7.23 20.74
N GLU B 100 12.00 6.36 19.75
CA GLU B 100 11.91 6.79 18.36
C GLU B 100 10.90 5.95 17.56
N ILE B 101 10.46 6.51 16.45
CA ILE B 101 9.55 5.83 15.54
C ILE B 101 10.34 5.06 14.49
N PRO B 102 9.90 3.83 14.18
CA PRO B 102 10.63 2.98 13.23
C PRO B 102 10.94 3.70 11.93
N ILE B 103 12.16 3.52 11.42
CA ILE B 103 12.58 4.18 10.20
C ILE B 103 12.06 3.43 8.97
N MET B 104 11.61 2.20 9.18
CA MET B 104 11.06 1.39 8.11
C MET B 104 12.05 1.30 6.94
N ASP B 105 11.56 1.56 5.72
CA ASP B 105 12.41 1.47 4.53
C ASP B 105 13.08 2.80 4.21
N GLY B 106 12.96 3.75 5.12
CA GLY B 106 13.60 5.05 4.96
C GLY B 106 12.71 6.06 4.25
N SER B 107 11.56 5.61 3.78
CA SER B 107 10.61 6.49 3.10
C SER B 107 9.35 6.66 3.92
N ALA B 108 8.28 7.13 3.29
CA ALA B 108 7.00 7.32 3.97
C ALA B 108 5.99 6.27 3.51
N ALA B 109 6.34 5.53 2.46
CA ALA B 109 5.43 4.59 1.83
C ALA B 109 4.88 3.53 2.79
N PRO B 110 5.75 2.90 3.58
CA PRO B 110 5.25 1.96 4.58
C PRO B 110 4.13 2.55 5.44
N PHE B 111 4.25 3.81 5.80
CA PHE B 111 3.23 4.49 6.60
C PHE B 111 1.96 4.72 5.79
N VAL B 112 2.12 5.07 4.52
CA VAL B 112 0.98 5.26 3.64
C VAL B 112 0.16 3.99 3.51
N TYR B 113 0.84 2.85 3.35
CA TYR B 113 0.18 1.57 3.22
C TYR B 113 -0.52 1.22 4.53
N LEU B 114 0.12 1.56 5.64
CA LEU B 114 -0.44 1.30 6.96
C LEU B 114 -1.74 2.09 7.17
N LEU B 115 -1.72 3.36 6.80
CA LEU B 115 -2.90 4.21 6.93
C LEU B 115 -4.05 3.72 6.07
N LEU B 116 -3.74 3.31 4.84
CA LEU B 116 -4.74 2.77 3.93
C LEU B 116 -5.29 1.46 4.47
N ASP B 117 -4.43 0.69 5.14
CA ASP B 117 -4.86 -0.56 5.76
C ASP B 117 -5.89 -0.27 6.85
N ALA B 118 -5.69 0.82 7.57
CA ALA B 118 -6.64 1.22 8.61
C ALA B 118 -7.94 1.70 7.97
N GLY B 119 -7.82 2.40 6.84
CA GLY B 119 -8.96 2.99 6.18
C GLY B 119 -9.13 4.44 6.61
N ILE B 120 -9.58 5.28 5.68
CA ILE B 120 -9.76 6.70 5.98
C ILE B 120 -11.23 7.04 6.18
N ASP B 121 -11.53 7.65 7.31
CA ASP B 121 -12.90 8.00 7.66
C ASP B 121 -13.07 9.52 7.63
N GLU B 122 -14.16 9.98 7.04
CA GLU B 122 -14.46 11.40 6.97
C GLU B 122 -15.43 11.80 8.07
N LEU B 123 -15.07 12.83 8.84
CA LEU B 123 -15.88 13.28 9.95
C LEU B 123 -16.86 14.35 9.53
N ASN B 124 -17.98 14.45 10.27
CA ASN B 124 -18.99 15.47 9.99
C ASN B 124 -18.54 16.83 10.50
N CYS B 125 -17.34 17.24 10.11
CA CYS B 125 -16.77 18.52 10.55
C CYS B 125 -15.89 19.09 9.44
N ALA B 126 -16.16 20.34 9.07
CA ALA B 126 -15.46 20.95 7.93
C ALA B 126 -13.94 20.95 8.12
N LYS B 127 -13.23 20.73 7.03
CA LYS B 127 -11.77 20.73 7.06
C LYS B 127 -11.25 22.14 6.84
N LYS B 128 -10.38 22.60 7.72
CA LYS B 128 -9.83 23.94 7.64
C LYS B 128 -8.48 23.95 6.91
N PHE B 129 -8.39 24.75 5.85
CA PHE B 129 -7.15 24.90 5.10
C PHE B 129 -6.52 26.26 5.39
N VAL B 130 -5.20 26.28 5.53
CA VAL B 130 -4.45 27.53 5.64
C VAL B 130 -4.14 28.04 4.24
N ARG B 131 -4.68 29.21 3.88
CA ARG B 131 -4.40 29.79 2.58
C ARG B 131 -3.43 30.96 2.68
N ILE B 132 -2.36 30.89 1.88
CA ILE B 132 -1.35 31.94 1.83
C ILE B 132 -1.92 33.18 1.14
N LYS B 133 -1.73 34.34 1.77
CA LYS B 133 -2.28 35.59 1.25
C LYS B 133 -1.17 36.57 0.88
N GLU B 134 0.00 36.40 1.48
CA GLU B 134 1.14 37.24 1.19
C GLU B 134 2.39 36.38 1.00
N THR B 135 3.36 36.89 0.25
CA THR B 135 4.62 36.18 0.10
C THR B 135 5.42 36.26 1.40
N VAL B 136 5.90 35.10 1.85
CA VAL B 136 6.74 35.04 3.03
C VAL B 136 8.02 34.29 2.69
N ARG B 137 9.16 34.88 3.05
CA ARG B 137 10.45 34.29 2.75
C ARG B 137 11.34 34.31 3.98
N VAL B 138 12.00 33.19 4.25
CA VAL B 138 12.99 33.12 5.31
C VAL B 138 14.32 32.68 4.69
N GLU B 139 15.42 33.05 5.33
CA GLU B 139 16.74 32.81 4.78
C GLU B 139 17.70 32.28 5.84
N ASP B 140 18.81 31.71 5.35
CA ASP B 140 19.84 31.19 6.24
C ASP B 140 21.14 31.02 5.45
N GLY B 141 21.81 32.14 5.19
CA GLY B 141 23.03 32.13 4.42
C GLY B 141 22.76 31.83 2.96
N ASP B 142 23.18 30.65 2.52
CA ASP B 142 23.01 30.24 1.12
C ASP B 142 21.57 29.77 0.87
N LYS B 143 20.90 29.36 1.94
CA LYS B 143 19.62 28.66 1.82
C LYS B 143 18.43 29.61 2.00
N TRP B 144 17.27 29.18 1.51
CA TRP B 144 16.04 29.96 1.69
C TRP B 144 14.78 29.15 1.37
N ALA B 145 13.71 29.49 2.06
CA ALA B 145 12.40 28.88 1.82
C ALA B 145 11.37 29.99 1.66
N GLU B 146 10.37 29.76 0.82
CA GLU B 146 9.42 30.81 0.49
C GLU B 146 8.02 30.26 0.26
N PHE B 147 7.03 30.96 0.81
CA PHE B 147 5.64 30.65 0.55
C PHE B 147 5.01 31.81 -0.22
N LYS B 148 4.21 31.48 -1.21
CA LYS B 148 3.59 32.48 -2.07
C LYS B 148 2.15 32.10 -2.37
N PRO B 149 1.25 33.09 -2.46
CA PRO B 149 -0.16 32.82 -2.74
C PRO B 149 -0.36 32.03 -4.03
N TYR B 150 -1.18 30.99 -3.98
CA TYR B 150 -1.45 30.15 -5.13
C TYR B 150 -2.65 29.27 -4.84
N ASN B 151 -3.64 29.31 -5.74
CA ASN B 151 -4.87 28.57 -5.57
C ASN B 151 -4.65 27.07 -5.81
N GLY B 152 -3.95 26.44 -4.88
CA GLY B 152 -3.62 25.03 -4.97
C GLY B 152 -2.49 24.73 -4.01
N PHE B 153 -1.78 23.63 -4.25
CA PHE B 153 -0.58 23.35 -3.47
C PHE B 153 0.54 22.80 -4.35
N SER B 154 1.64 23.55 -4.41
CA SER B 154 2.79 23.15 -5.20
C SER B 154 4.07 23.28 -4.38
N LEU B 155 5.01 22.38 -4.63
CA LEU B 155 6.32 22.45 -4.00
C LEU B 155 7.41 22.46 -5.07
N ASP B 156 8.46 23.23 -4.81
CA ASP B 156 9.57 23.35 -5.74
C ASP B 156 10.85 23.37 -4.91
N PHE B 157 11.62 22.29 -5.01
CA PHE B 157 12.79 22.12 -4.15
C PHE B 157 14.07 21.94 -4.98
N THR B 158 15.13 22.60 -4.53
CA THR B 158 16.45 22.46 -5.15
C THR B 158 17.48 22.15 -4.08
N ILE B 159 18.26 21.10 -4.30
CA ILE B 159 19.38 20.80 -3.41
C ILE B 159 20.70 20.92 -4.17
N ASP B 160 21.80 21.08 -3.42
CA ASP B 160 23.12 21.16 -4.01
C ASP B 160 24.12 20.37 -3.16
N PHE B 161 24.27 19.09 -3.47
CA PHE B 161 25.16 18.23 -2.70
C PHE B 161 26.52 18.03 -3.38
N ASN B 162 26.62 18.44 -4.64
CA ASN B 162 27.89 18.41 -5.36
C ASN B 162 28.51 17.01 -5.41
N HIS B 163 27.69 15.98 -5.21
CA HIS B 163 28.18 14.61 -5.22
C HIS B 163 28.01 14.01 -6.62
N PRO B 164 29.04 13.30 -7.11
CA PRO B 164 29.03 12.76 -8.47
C PRO B 164 27.90 11.77 -8.72
N ALA B 165 27.47 11.05 -7.68
CA ALA B 165 26.40 10.08 -7.82
C ALA B 165 25.05 10.77 -8.05
N ILE B 166 25.05 12.10 -8.01
CA ILE B 166 23.85 12.88 -8.28
C ILE B 166 24.12 13.88 -9.40
N ASP B 167 23.54 13.62 -10.57
CA ASP B 167 23.70 14.54 -11.70
C ASP B 167 22.70 15.69 -11.57
N SER B 168 22.84 16.69 -12.45
CA SER B 168 22.04 17.90 -12.34
C SER B 168 20.60 17.72 -12.83
N SER B 169 20.21 16.47 -13.06
CA SER B 169 18.81 16.16 -13.35
C SER B 169 18.17 15.55 -12.10
N ASN B 170 18.91 15.61 -10.99
CA ASN B 170 18.44 15.07 -9.73
C ASN B 170 18.56 16.11 -8.61
N GLN B 171 18.71 17.38 -9.02
CA GLN B 171 18.92 18.46 -8.06
C GLN B 171 17.66 19.30 -7.86
N ARG B 172 16.76 19.28 -8.84
CA ARG B 172 15.54 20.06 -8.78
C ARG B 172 14.30 19.22 -9.07
N TYR B 173 13.26 19.39 -8.25
CA TYR B 173 11.99 18.73 -8.48
C TYR B 173 10.84 19.62 -8.04
N ALA B 174 9.86 19.82 -8.91
CA ALA B 174 8.68 20.59 -8.59
C ALA B 174 7.44 19.77 -8.93
N MET B 175 6.39 19.92 -8.13
CA MET B 175 5.17 19.15 -8.34
C MET B 175 3.93 19.93 -7.88
N ASN B 176 2.80 19.64 -8.52
CA ASN B 176 1.51 20.09 -8.01
C ASN B 176 0.93 18.99 -7.14
N PHE B 177 0.72 19.30 -5.87
CA PHE B 177 0.43 18.29 -4.86
C PHE B 177 -0.97 17.68 -4.96
N SER B 178 -1.04 16.38 -4.72
CA SER B 178 -2.29 15.67 -4.49
C SER B 178 -1.96 14.36 -3.81
N ALA B 179 -2.88 13.85 -3.01
CA ALA B 179 -2.68 12.57 -2.34
C ALA B 179 -2.19 11.54 -3.35
N ASP B 180 -2.82 11.52 -4.52
CA ASP B 180 -2.43 10.61 -5.59
C ASP B 180 -0.99 10.86 -6.02
N ALA B 181 -0.64 12.12 -6.19
CA ALA B 181 0.71 12.49 -6.63
C ALA B 181 1.72 12.21 -5.52
N PHE B 182 1.34 12.47 -4.28
CA PHE B 182 2.23 12.21 -3.15
C PHE B 182 2.61 10.74 -3.06
N MET B 183 1.61 9.87 -3.18
CA MET B 183 1.84 8.44 -3.07
C MET B 183 2.70 7.90 -4.20
N ARG B 184 2.38 8.31 -5.42
CA ARG B 184 3.02 7.75 -6.60
C ARG B 184 4.38 8.37 -6.92
N GLN B 185 4.64 9.56 -6.38
CA GLN B 185 5.83 10.29 -6.76
C GLN B 185 6.79 10.60 -5.60
N ILE B 186 6.25 10.70 -4.38
CA ILE B 186 7.05 11.17 -3.25
C ILE B 186 7.24 10.13 -2.14
N SER B 187 6.17 9.42 -1.79
CA SER B 187 6.16 8.61 -0.57
C SER B 187 7.27 7.55 -0.52
N ARG B 188 7.64 7.00 -1.68
CA ARG B 188 8.64 5.94 -1.71
C ARG B 188 10.07 6.47 -1.75
N ALA B 189 10.23 7.79 -1.81
CA ALA B 189 11.56 8.39 -1.85
C ALA B 189 12.26 8.20 -0.49
N ARG B 190 13.44 7.58 -0.53
CA ARG B 190 14.18 7.25 0.68
C ARG B 190 15.18 8.32 1.06
N THR B 191 15.50 8.37 2.35
CA THR B 191 16.60 9.18 2.84
C THR B 191 17.91 8.55 2.37
N PHE B 192 19.03 9.18 2.69
CA PHE B 192 20.32 8.65 2.32
C PHE B 192 21.39 9.05 3.33
N GLY B 193 22.54 8.38 3.26
CA GLY B 193 23.65 8.68 4.13
C GLY B 193 24.95 8.14 3.55
N PHE B 194 26.07 8.73 3.95
CA PHE B 194 27.37 8.29 3.47
C PHE B 194 27.84 7.04 4.20
N MET B 195 28.35 6.07 3.45
CA MET B 195 28.87 4.84 4.04
C MET B 195 29.91 5.16 5.11
N ARG B 196 30.70 6.19 4.88
CA ARG B 196 31.73 6.61 5.82
C ARG B 196 31.12 7.10 7.13
N ASP B 197 30.09 7.94 7.02
CA ASP B 197 29.43 8.51 8.19
C ASP B 197 28.67 7.42 8.94
N ILE B 198 28.15 6.44 8.21
CA ILE B 198 27.41 5.34 8.82
C ILE B 198 28.33 4.47 9.68
N GLU B 199 29.42 4.01 9.09
CA GLU B 199 30.37 3.15 9.80
C GLU B 199 30.88 3.83 11.07
N TYR B 200 31.20 5.12 10.97
CA TYR B 200 31.69 5.87 12.11
C TYR B 200 30.69 5.80 13.26
N LEU B 201 29.49 6.32 13.03
CA LEU B 201 28.45 6.32 14.05
C LEU B 201 28.27 4.92 14.65
N GLN B 202 28.12 3.93 13.78
CA GLN B 202 27.93 2.55 14.23
C GLN B 202 29.16 2.06 15.00
N SER B 203 30.33 2.59 14.65
CA SER B 203 31.55 2.26 15.36
C SER B 203 31.56 2.90 16.74
N ARG B 204 30.97 4.08 16.83
CA ARG B 204 30.85 4.78 18.11
C ARG B 204 29.72 4.18 18.93
N GLY B 205 28.86 3.41 18.26
CA GLY B 205 27.75 2.74 18.93
C GLY B 205 26.44 3.45 18.75
N LEU B 206 26.33 4.24 17.68
CA LEU B 206 25.11 4.98 17.39
C LEU B 206 24.60 4.68 15.99
N CYS B 207 23.35 5.06 15.73
CA CYS B 207 22.74 4.83 14.42
C CYS B 207 22.88 3.37 14.04
N LEU B 208 22.50 2.49 14.96
CA LEU B 208 22.67 1.04 14.75
C LEU B 208 21.57 0.47 13.86
N GLY B 209 20.55 1.28 13.57
CA GLY B 209 19.45 0.84 12.74
C GLY B 209 19.76 0.94 11.25
N GLY B 210 20.82 1.67 10.92
CA GLY B 210 21.20 1.88 9.54
C GLY B 210 21.40 0.58 8.77
N SER B 211 21.01 0.59 7.49
CA SER B 211 21.18 -0.56 6.62
C SER B 211 20.75 -0.21 5.21
N PHE B 212 21.04 -1.08 4.26
CA PHE B 212 20.61 -0.89 2.88
C PHE B 212 19.09 -0.98 2.79
N ASP B 213 18.46 -1.47 3.86
CA ASP B 213 17.02 -1.68 3.87
C ASP B 213 16.24 -0.46 4.33
N CYS B 214 16.93 0.49 4.98
CA CYS B 214 16.25 1.64 5.56
C CYS B 214 16.79 2.98 5.07
N ALA B 215 17.58 2.96 4.01
CA ALA B 215 18.12 4.19 3.45
C ALA B 215 18.98 3.95 2.22
N ILE B 216 19.23 5.02 1.46
CA ILE B 216 20.12 4.96 0.32
C ILE B 216 21.56 5.16 0.79
N VAL B 217 22.39 4.14 0.60
CA VAL B 217 23.79 4.24 0.98
C VAL B 217 24.65 4.50 -0.24
N VAL B 218 25.52 5.51 -0.13
CA VAL B 218 26.22 6.04 -1.30
C VAL B 218 27.74 5.98 -1.16
N ASP B 219 28.40 5.68 -2.27
CA ASP B 219 29.86 5.72 -2.34
C ASP B 219 30.29 7.14 -2.65
N ASP B 220 31.59 7.33 -2.90
CA ASP B 220 32.08 8.58 -3.44
C ASP B 220 31.96 8.54 -4.96
N TYR B 221 31.67 7.35 -5.48
CA TYR B 221 31.50 7.14 -6.91
C TYR B 221 30.03 6.91 -7.25
N ARG B 222 29.45 5.86 -6.68
CA ARG B 222 28.12 5.41 -7.08
C ARG B 222 27.21 5.13 -5.89
N VAL B 223 26.05 4.53 -6.17
CA VAL B 223 25.14 4.09 -5.13
C VAL B 223 25.33 2.59 -4.91
N LEU B 224 25.33 2.18 -3.64
CA LEU B 224 25.64 0.80 -3.29
C LEU B 224 24.41 -0.11 -3.22
N ASN B 225 23.23 0.48 -3.10
CA ASN B 225 22.00 -0.29 -3.04
C ASN B 225 21.93 -1.30 -4.19
N GLU B 226 21.58 -2.53 -3.85
CA GLU B 226 21.52 -3.61 -4.84
C GLU B 226 20.65 -3.21 -6.02
N ASP B 227 19.42 -2.79 -5.73
CA ASP B 227 18.47 -2.41 -6.78
C ASP B 227 18.61 -0.93 -7.15
N GLY B 228 19.67 -0.30 -6.64
CA GLY B 228 19.93 1.09 -6.96
C GLY B 228 18.92 2.03 -6.36
N LEU B 229 18.43 2.96 -7.19
CA LEU B 229 17.48 3.97 -6.74
C LEU B 229 16.07 3.65 -7.24
N ARG B 230 15.07 4.13 -6.50
CA ARG B 230 13.68 3.97 -6.89
C ARG B 230 13.31 5.01 -7.93
N PHE B 231 13.95 6.18 -7.83
CA PHE B 231 13.84 7.22 -8.84
C PHE B 231 15.23 7.73 -9.14
N GLU B 232 15.44 8.18 -10.37
CA GLU B 232 16.71 8.83 -10.73
C GLU B 232 16.97 9.97 -9.74
N ASP B 233 15.94 10.77 -9.53
CA ASP B 233 16.04 11.94 -8.66
C ASP B 233 15.41 11.67 -7.31
N GLU B 234 15.72 10.51 -6.75
CA GLU B 234 15.14 10.10 -5.47
C GLU B 234 15.60 11.00 -4.33
N PHE B 235 16.85 11.47 -4.41
CA PHE B 235 17.42 12.29 -3.36
C PHE B 235 16.61 13.55 -3.11
N VAL B 236 16.30 14.28 -4.19
CA VAL B 236 15.55 15.52 -4.09
C VAL B 236 14.07 15.25 -3.80
N ARG B 237 13.55 14.13 -4.29
CA ARG B 237 12.18 13.74 -4.00
C ARG B 237 12.00 13.55 -2.50
N HIS B 238 13.03 13.07 -1.83
CA HIS B 238 12.95 12.84 -0.40
C HIS B 238 12.97 14.15 0.39
N LYS B 239 13.76 15.11 -0.07
CA LYS B 239 13.83 16.40 0.58
C LYS B 239 12.46 17.05 0.55
N MET B 240 11.72 16.83 -0.53
CA MET B 240 10.36 17.36 -0.63
C MET B 240 9.44 16.58 0.30
N LEU B 241 9.69 15.29 0.44
CA LEU B 241 8.91 14.46 1.36
C LEU B 241 9.04 15.01 2.77
N ASP B 242 10.27 15.32 3.18
CA ASP B 242 10.53 15.91 4.48
C ASP B 242 9.74 17.22 4.62
N ALA B 243 9.84 18.06 3.60
CA ALA B 243 9.19 19.38 3.62
C ALA B 243 7.69 19.27 3.84
N ILE B 244 7.06 18.32 3.15
CA ILE B 244 5.63 18.09 3.29
C ILE B 244 5.29 17.74 4.73
N GLY B 245 6.15 16.97 5.38
CA GLY B 245 5.96 16.62 6.76
C GLY B 245 6.15 17.82 7.68
N ASP B 246 7.16 18.63 7.38
CA ASP B 246 7.43 19.83 8.17
C ASP B 246 6.22 20.77 8.18
N LEU B 247 5.76 21.14 6.99
CA LEU B 247 4.67 22.09 6.83
C LEU B 247 3.39 21.66 7.53
N PHE B 248 3.22 20.35 7.71
CA PHE B 248 1.97 19.81 8.26
C PHE B 248 1.97 19.88 9.79
N MET B 249 3.04 20.43 10.37
CA MET B 249 3.11 20.59 11.81
C MET B 249 2.08 21.62 12.30
N CYS B 250 1.55 22.43 11.41
CA CYS B 250 0.52 23.39 11.77
C CYS B 250 -0.84 22.69 11.90
N GLY B 251 -0.89 21.42 11.50
CA GLY B 251 -2.09 20.62 11.66
C GLY B 251 -3.10 20.80 10.53
N HIS B 252 -2.71 21.56 9.51
CA HIS B 252 -3.62 21.85 8.41
C HIS B 252 -2.88 21.78 7.07
N ASN B 253 -3.56 21.27 6.05
CA ASN B 253 -3.06 21.35 4.70
C ASN B 253 -3.02 22.82 4.28
N ILE B 254 -2.10 23.15 3.38
CA ILE B 254 -1.89 24.55 3.01
C ILE B 254 -2.19 24.80 1.54
N ILE B 255 -2.90 25.89 1.28
CA ILE B 255 -3.17 26.31 -0.09
C ILE B 255 -2.21 27.44 -0.46
N GLY B 256 -1.22 27.11 -1.28
CA GLY B 256 -0.21 28.07 -1.68
C GLY B 256 0.96 27.39 -2.37
N ALA B 257 1.96 28.19 -2.75
CA ALA B 257 3.12 27.69 -3.47
C ALA B 257 4.36 27.74 -2.59
N PHE B 258 4.96 26.58 -2.39
CA PHE B 258 6.17 26.46 -1.59
C PHE B 258 7.39 26.30 -2.49
N THR B 259 8.41 27.10 -2.25
CA THR B 259 9.66 27.02 -3.00
C THR B 259 10.85 27.10 -2.04
N ALA B 260 11.83 26.23 -2.25
CA ALA B 260 12.99 26.17 -1.36
C ALA B 260 14.28 25.87 -2.12
N TYR B 261 15.39 26.35 -1.58
CA TYR B 261 16.70 26.09 -2.14
C TYR B 261 17.66 25.63 -1.05
N LYS B 262 18.11 24.38 -1.15
CA LYS B 262 19.00 23.79 -0.15
C LYS B 262 18.42 23.85 1.25
N SER B 263 17.10 24.05 1.34
CA SER B 263 16.46 24.16 2.63
C SER B 263 16.44 22.81 3.34
N GLY B 264 15.99 22.82 4.59
CA GLY B 264 15.92 21.60 5.38
C GLY B 264 14.78 21.69 6.37
N HIS B 265 14.79 20.78 7.36
CA HIS B 265 13.73 20.74 8.36
C HIS B 265 13.66 22.03 9.16
N ALA B 266 14.81 22.53 9.59
CA ALA B 266 14.87 23.75 10.39
C ALA B 266 14.33 24.94 9.60
N LEU B 267 14.89 25.16 8.41
CA LEU B 267 14.51 26.30 7.59
C LEU B 267 13.04 26.23 7.17
N ASN B 268 12.56 25.02 6.86
CA ASN B 268 11.17 24.82 6.50
C ASN B 268 10.24 25.18 7.66
N ASN B 269 10.64 24.77 8.86
CA ASN B 269 9.88 25.08 10.06
C ASN B 269 9.89 26.58 10.36
N LYS B 270 11.02 27.21 10.13
CA LYS B 270 11.14 28.66 10.33
C LYS B 270 10.15 29.37 9.42
N LEU B 271 10.09 28.94 8.16
CA LEU B 271 9.14 29.51 7.21
C LEU B 271 7.73 29.31 7.72
N LEU B 272 7.42 28.10 8.17
CA LEU B 272 6.09 27.78 8.69
C LEU B 272 5.71 28.73 9.82
N GLN B 273 6.61 28.89 10.78
CA GLN B 273 6.33 29.74 11.94
C GLN B 273 6.23 31.21 11.54
N ALA B 274 7.02 31.61 10.54
CA ALA B 274 6.98 32.99 10.07
C ALA B 274 5.61 33.30 9.48
N VAL B 275 5.10 32.41 8.64
CA VAL B 275 3.78 32.59 8.06
C VAL B 275 2.72 32.70 9.15
N LEU B 276 2.71 31.73 10.07
CA LEU B 276 1.70 31.68 11.11
C LEU B 276 1.75 32.89 12.05
N ALA B 277 2.95 33.46 12.22
CA ALA B 277 3.14 34.59 13.12
C ALA B 277 2.62 35.89 12.53
N LYS B 278 2.52 35.93 11.19
CA LYS B 278 2.03 37.10 10.49
C LYS B 278 0.58 36.84 10.06
N GLN B 279 -0.36 37.16 10.93
CA GLN B 279 -1.77 36.84 10.69
C GLN B 279 -2.27 37.40 9.36
N GLU B 280 -1.72 38.54 8.95
CA GLU B 280 -2.16 39.17 7.72
C GLU B 280 -1.64 38.43 6.49
N ALA B 281 -0.73 37.49 6.70
CA ALA B 281 -0.11 36.76 5.59
C ALA B 281 -0.92 35.51 5.19
N TRP B 282 -1.92 35.15 6.00
CA TRP B 282 -2.71 33.95 5.73
C TRP B 282 -4.12 34.05 6.29
N GLU B 283 -4.92 33.03 6.01
CA GLU B 283 -6.30 32.98 6.46
C GLU B 283 -6.79 31.54 6.42
N TYR B 284 -7.72 31.19 7.29
CA TYR B 284 -8.34 29.88 7.23
C TYR B 284 -9.43 29.89 6.16
N VAL B 285 -9.67 28.74 5.55
CA VAL B 285 -10.76 28.59 4.61
C VAL B 285 -11.43 27.24 4.79
N THR B 286 -12.75 27.24 4.88
CA THR B 286 -13.53 26.01 4.92
C THR B 286 -14.43 25.96 3.70
N PHE B 287 -14.53 24.78 3.08
CA PHE B 287 -15.34 24.62 1.88
C PHE B 287 -16.63 23.88 2.19
N GLN B 288 -17.75 24.60 2.10
CA GLN B 288 -19.08 24.00 2.27
C GLN B 288 -20.09 24.72 1.39
N ASP B 289 -21.18 24.03 1.07
CA ASP B 289 -22.28 24.68 0.38
C ASP B 289 -23.01 25.57 1.37
N ASP B 290 -23.64 26.62 0.87
CA ASP B 290 -24.35 27.55 1.74
C ASP B 290 -25.47 26.85 2.50
N ALA B 291 -25.95 25.74 1.95
CA ALA B 291 -26.99 24.95 2.61
C ALA B 291 -26.46 24.37 3.91
N GLU B 292 -25.21 23.91 3.89
CA GLU B 292 -24.59 23.31 5.06
C GLU B 292 -24.18 24.39 6.05
N LEU B 293 -23.84 25.56 5.53
CA LEU B 293 -23.47 26.70 6.35
C LEU B 293 -24.66 27.13 7.20
N PRO B 294 -24.60 26.90 8.53
CA PRO B 294 -25.73 27.20 9.42
C PRO B 294 -26.46 28.48 9.00
N LEU B 295 -25.69 29.53 8.74
CA LEU B 295 -26.25 30.77 8.20
C LEU B 295 -25.13 31.67 7.67
N ALA B 296 -25.08 31.81 6.35
CA ALA B 296 -24.04 32.59 5.70
C ALA B 296 -24.32 34.08 5.85
N PHE B 297 -23.35 34.81 6.37
CA PHE B 297 -23.50 36.26 6.58
C PHE B 297 -23.77 36.97 5.26
N LYS B 298 -25.04 37.32 5.04
CA LYS B 298 -25.43 38.06 3.84
C LYS B 298 -26.63 38.96 4.13
N ALA B 299 -27.10 39.65 3.10
CA ALA B 299 -28.24 40.55 3.25
C ALA B 299 -29.45 40.01 2.48
C1 IPA C . -16.93 -16.24 -18.72
C2 IPA C . -16.01 -17.25 -19.41
C3 IPA C . -16.84 -18.19 -20.29
O2 IPA C . -15.08 -16.56 -20.22
ZN ZN D . -2.26 -18.61 -1.59
CAO LTF E . 8.12 -20.56 3.03
CAN LTF E . 6.76 -21.17 2.70
CAK LTF E . 6.92 -22.20 1.59
CAJ LTF E . 5.59 -22.76 1.06
CAI LTF E . 4.80 -21.96 0.23
CAM LTF E . 5.13 -24.03 1.39
OAV LTF E . 5.87 -24.82 2.21
CAP LTF E . 6.61 -25.78 1.43
CAL LTF E . 3.92 -24.50 0.89
OAU LTF E . 3.56 -25.77 1.23
CAQ LTF E . 2.15 -25.98 1.03
CAH LTF E . 3.15 -23.70 0.06
CAG LTF E . 3.59 -22.42 -0.27
CAF LTF E . 2.83 -21.59 -1.12
N LTF E . 1.74 -21.95 -1.81
OAR LTF E . 3.44 -20.59 -1.84
CB LTF E . 2.33 -19.88 -2.36
CA LTF E . 1.24 -20.85 -2.68
C LTF E . -0.11 -20.39 -2.18
O LTF E . -0.25 -19.63 -1.23
NAB LTF E . -1.08 -20.67 -3.05
OAS LTF E . -2.35 -20.23 -2.92
ZN ZN F . 13.77 12.45 5.58
CAO LTF G . 21.62 4.39 6.91
CAN LTF G . 21.14 5.84 6.80
CAK LTF G . 21.70 6.64 7.96
CAJ LTF G . 21.36 8.14 7.93
CAI LTF G . 20.03 8.53 8.07
CAM LTF G . 22.34 9.12 7.76
OAV LTF G . 23.64 8.75 7.60
CAP LTF G . 24.27 8.65 8.90
CAL LTF G . 21.99 10.46 7.72
OAU LTF G . 22.97 11.40 7.56
CAQ LTF G . 22.47 12.50 6.80
CAH LTF G . 20.67 10.84 7.86
CAG LTF G . 19.67 9.87 8.03
CAF LTF G . 18.35 10.29 8.18
N LTF G . 17.91 11.53 8.49
OAR LTF G . 17.23 9.53 7.93
CB LTF G . 16.48 10.01 9.02
CA LTF G . 16.45 11.49 8.79
C LTF G . 15.66 11.98 7.58
O LTF G . 15.64 11.43 6.50
NAB LTF G . 15.03 13.12 7.89
OAS LTF G . 14.30 13.85 7.01
NA NA H . -20.91 40.54 16.01
C1 IPA I . 1.83 27.92 -10.40
C2 IPA I . 3.26 27.63 -9.96
C3 IPA I . 3.95 28.92 -9.56
O2 IPA I . 3.23 26.74 -8.86
#